data_3TGK
#
_entry.id   3TGK
#
_cell.length_a   92.580
_cell.length_b   92.580
_cell.length_c   62.030
_cell.angle_alpha   90.00
_cell.angle_beta   90.00
_cell.angle_gamma   120.00
#
_symmetry.space_group_name_H-M   'P 32 2 1'
#
loop_
_entity.id
_entity.type
_entity.pdbx_description
1 polymer 'TRYPSIN II, ANIONIC'
2 polymer 'PANCREATIC TRYPSIN INHIBITOR'
3 non-polymer 'CALCIUM ION'
4 non-polymer 'SULFATE ION'
5 water water
#
loop_
_entity_poly.entity_id
_entity_poly.type
_entity_poly.pdbx_seq_one_letter_code
_entity_poly.pdbx_strand_id
1 'polypeptide(L)'
;EAFPVDDDDKGGYTCQENSVPYQVSLNSGYHFCGGSLINDQWVVSAAHCYKSRIQVRLGEHNINVLEGNEQFVNAAKIIK
HPNFDRKTLNNDIMLIKLSSPVKLNARVATVALPSSCAPAGTQCLISGWGNTLSSGVNEPDLLQCLDAPLLPQADCEASY
PGKITDNMVCVGFLEGGKDSCQGNSGGPVVCNGELQGIVSWGYGCALPDNPGVYTKVCNYVDWIQDTIAAN
;
E
2 'polypeptide(L)' RPDFCLEPPYTGPCKARIIRYFYNAKAGLCQTFVYGGCRAKRNNFKSAEDCMRTCGGAIGPWENL I
#
loop_
_chem_comp.id
_chem_comp.type
_chem_comp.name
_chem_comp.formula
CA non-polymer 'CALCIUM ION' 'Ca 2'
SO4 non-polymer 'SULFATE ION' 'O4 S -2'
#
# COMPACT_ATOMS: atom_id res chain seq x y z
N LYS A 10 -12.05 -7.04 -5.85
CA LYS A 10 -11.76 -7.98 -4.73
C LYS A 10 -11.07 -9.23 -5.23
N GLY A 11 -11.67 -10.40 -4.97
CA GLY A 11 -11.09 -11.65 -5.44
C GLY A 11 -10.26 -12.41 -4.43
N GLY A 12 -9.82 -11.73 -3.38
CA GLY A 12 -9.01 -12.40 -2.38
C GLY A 12 -9.84 -13.27 -1.47
N TYR A 13 -9.20 -13.88 -0.49
CA TYR A 13 -9.88 -14.71 0.49
C TYR A 13 -9.27 -14.29 1.81
N THR A 14 -9.96 -14.52 2.91
CA THR A 14 -9.42 -14.13 4.20
C THR A 14 -8.25 -15.04 4.51
N CYS A 15 -7.12 -14.45 4.88
CA CYS A 15 -5.94 -15.24 5.21
C CYS A 15 -6.19 -16.02 6.48
N GLN A 16 -5.48 -17.12 6.62
CA GLN A 16 -5.60 -17.92 7.82
C GLN A 16 -4.96 -17.01 8.89
N GLU A 17 -5.56 -16.95 10.08
CA GLU A 17 -5.05 -16.11 11.15
C GLU A 17 -3.56 -16.27 11.42
N ASN A 18 -2.86 -15.13 11.41
CA ASN A 18 -1.42 -15.06 11.65
C ASN A 18 -0.58 -15.91 10.68
N SER A 19 -1.10 -16.16 9.48
CA SER A 19 -0.35 -16.94 8.49
C SER A 19 0.61 -16.07 7.67
N VAL A 20 0.49 -14.76 7.82
CA VAL A 20 1.35 -13.80 7.13
C VAL A 20 1.93 -12.93 8.27
N PRO A 21 2.86 -13.50 9.05
CA PRO A 21 3.46 -12.79 10.19
C PRO A 21 4.33 -11.55 9.95
N TYR A 22 4.74 -11.33 8.71
CA TYR A 22 5.58 -10.17 8.38
C TYR A 22 4.71 -8.97 7.97
N GLN A 23 3.42 -9.19 7.85
CA GLN A 23 2.49 -8.13 7.45
C GLN A 23 2.23 -7.15 8.59
N VAL A 24 2.32 -5.86 8.29
CA VAL A 24 2.03 -4.85 9.31
C VAL A 24 0.97 -3.91 8.79
N SER A 25 0.37 -3.17 9.71
CA SER A 25 -0.64 -2.19 9.39
C SER A 25 -0.07 -0.83 9.80
N LEU A 26 -0.15 0.16 8.92
CA LEU A 26 0.33 1.51 9.24
C LEU A 26 -0.93 2.26 9.64
N ASN A 27 -0.87 2.89 10.81
CA ASN A 27 -2.01 3.57 11.40
C ASN A 27 -1.67 4.97 11.93
N SER A 28 -2.46 5.96 11.55
CA SER A 28 -2.23 7.33 12.02
C SER A 28 -3.54 7.88 12.60
N GLY A 29 -4.39 6.94 13.02
CA GLY A 29 -5.69 7.26 13.59
C GLY A 29 -6.61 6.14 13.14
N TYR A 30 -6.30 5.63 11.95
CA TYR A 30 -7.02 4.53 11.33
C TYR A 30 -6.06 3.85 10.36
N HIS A 31 -6.39 2.66 9.88
CA HIS A 31 -5.53 1.94 8.95
C HIS A 31 -5.56 2.63 7.58
N PHE A 32 -4.39 2.96 7.04
CA PHE A 32 -4.31 3.62 5.74
C PHE A 32 -3.36 2.97 4.74
N CYS A 33 -2.48 2.10 5.21
CA CYS A 33 -1.49 1.42 4.37
C CYS A 33 -0.94 0.17 5.04
N GLY A 34 -0.28 -0.68 4.25
CA GLY A 34 0.32 -1.89 4.79
C GLY A 34 1.83 -1.72 4.75
N GLY A 35 2.54 -2.79 5.12
CA GLY A 35 3.99 -2.76 5.11
C GLY A 35 4.52 -4.14 5.46
N SER A 36 5.84 -4.32 5.38
CA SER A 36 6.46 -5.61 5.69
C SER A 36 7.63 -5.48 6.67
N LEU A 37 7.70 -6.39 7.63
CA LEU A 37 8.78 -6.38 8.61
C LEU A 37 9.98 -7.12 8.02
N ILE A 38 11.08 -6.42 7.77
CA ILE A 38 12.26 -7.08 7.21
C ILE A 38 13.35 -7.39 8.23
N ASN A 39 13.24 -6.80 9.42
CA ASN A 39 14.14 -7.11 10.52
C ASN A 39 13.49 -6.58 11.78
N ASP A 40 14.02 -6.93 12.95
CA ASP A 40 13.35 -6.52 14.17
C ASP A 40 13.12 -5.03 14.46
N GLN A 41 13.71 -4.14 13.67
CA GLN A 41 13.49 -2.71 13.89
C GLN A 41 13.21 -1.91 12.63
N TRP A 42 12.98 -2.60 11.52
CA TRP A 42 12.73 -1.93 10.24
C TRP A 42 11.57 -2.53 9.43
N VAL A 43 10.77 -1.63 8.85
CA VAL A 43 9.62 -2.00 8.04
C VAL A 43 9.77 -1.38 6.64
N VAL A 44 9.33 -2.08 5.60
CA VAL A 44 9.41 -1.56 4.24
C VAL A 44 7.97 -1.33 3.78
N SER A 45 7.72 -0.19 3.13
CA SER A 45 6.38 0.17 2.65
C SER A 45 6.50 1.01 1.39
N ALA A 46 5.40 1.63 0.95
CA ALA A 46 5.43 2.46 -0.24
C ALA A 46 5.64 3.92 0.15
N ALA A 47 6.37 4.65 -0.69
CA ALA A 47 6.67 6.06 -0.44
C ALA A 47 5.42 6.93 -0.42
N HIS A 48 4.40 6.57 -1.18
CA HIS A 48 3.19 7.38 -1.18
C HIS A 48 2.37 7.18 0.10
N CYS A 49 2.85 6.30 0.97
CA CYS A 49 2.18 6.05 2.24
C CYS A 49 2.79 6.95 3.33
N TYR A 50 3.68 7.84 2.93
CA TYR A 50 4.32 8.74 3.88
C TYR A 50 3.35 9.61 4.65
N LYS A 51 3.60 9.72 5.95
CA LYS A 51 2.83 10.56 6.86
C LYS A 51 3.87 10.97 7.89
N SER A 52 3.74 12.15 8.46
CA SER A 52 4.72 12.61 9.45
C SER A 52 4.72 11.75 10.72
N ARG A 53 3.55 11.27 11.10
CA ARG A 53 3.43 10.44 12.30
C ARG A 53 2.79 9.11 11.92
N ILE A 54 3.48 8.02 12.24
CA ILE A 54 2.98 6.70 11.92
C ILE A 54 3.15 5.70 13.05
N GLN A 55 2.11 4.95 13.34
CA GLN A 55 2.17 3.91 14.35
C GLN A 55 2.09 2.59 13.57
N VAL A 56 3.03 1.70 13.83
CA VAL A 56 3.08 0.39 13.16
C VAL A 56 2.42 -0.66 14.05
N ARG A 57 1.48 -1.42 13.48
CA ARG A 57 0.81 -2.45 14.26
C ARG A 57 1.15 -3.83 13.72
N LEU A 58 1.78 -4.64 14.56
CA LEU A 58 2.21 -5.98 14.19
C LEU A 58 1.38 -7.09 14.88
N GLY A 59 1.42 -8.28 14.30
CA GLY A 59 0.69 -9.41 14.87
C GLY A 59 -0.83 -9.31 14.76
N GLU A 60 -1.29 -8.51 13.80
CA GLU A 60 -2.71 -8.26 13.57
C GLU A 60 -3.43 -9.24 12.63
N HIS A 61 -4.72 -9.43 12.87
CA HIS A 61 -5.55 -10.23 11.98
C HIS A 61 -6.81 -9.39 11.79
N ASN A 62 -7.55 -9.17 12.87
CA ASN A 62 -8.75 -8.34 12.81
C ASN A 62 -8.29 -6.99 13.38
N ILE A 63 -8.12 -5.99 12.52
CA ILE A 63 -7.63 -4.70 13.01
C ILE A 63 -8.64 -3.88 13.81
N ASN A 64 -9.87 -4.37 13.94
CA ASN A 64 -10.91 -3.66 14.68
C ASN A 64 -11.14 -4.22 16.10
N VAL A 65 -10.39 -5.25 16.46
CA VAL A 65 -10.53 -5.88 17.77
C VAL A 65 -9.16 -6.16 18.39
N LEU A 66 -9.03 -5.91 19.70
CA LEU A 66 -7.78 -6.19 20.40
C LEU A 66 -7.79 -7.69 20.66
N GLU A 67 -6.94 -8.42 19.94
CA GLU A 67 -6.88 -9.87 20.03
C GLU A 67 -5.88 -10.49 21.01
N GLY A 68 -4.87 -9.72 21.39
CA GLY A 68 -3.88 -10.26 22.32
C GLY A 68 -2.49 -10.52 21.75
N ASN A 69 -2.34 -10.63 20.43
CA ASN A 69 -1.03 -10.89 19.84
C ASN A 69 -0.36 -9.66 19.24
N GLU A 70 -1.07 -8.55 19.23
CA GLU A 70 -0.57 -7.31 18.64
C GLU A 70 0.54 -6.58 19.38
N GLN A 71 1.38 -5.90 18.60
CA GLN A 71 2.44 -5.07 19.15
C GLN A 71 2.24 -3.74 18.43
N PHE A 72 2.18 -2.66 19.22
CA PHE A 72 1.99 -1.31 18.71
C PHE A 72 3.29 -0.57 18.91
N VAL A 73 3.93 -0.15 17.82
CA VAL A 73 5.20 0.55 17.90
C VAL A 73 5.21 1.79 17.02
N ASN A 74 5.76 2.88 17.55
CA ASN A 74 5.83 4.13 16.80
C ASN A 74 7.03 4.17 15.86
N ALA A 75 6.87 4.84 14.71
CA ALA A 75 7.94 4.97 13.73
C ALA A 75 8.87 6.05 14.24
N ALA A 76 10.17 5.74 14.30
CA ALA A 76 11.16 6.70 14.77
C ALA A 76 11.76 7.48 13.60
N LYS A 77 12.01 6.80 12.50
CA LYS A 77 12.57 7.42 11.29
C LYS A 77 11.79 6.93 10.07
N ILE A 78 11.46 7.84 9.17
CA ILE A 78 10.77 7.46 7.94
C ILE A 78 11.66 7.96 6.82
N ILE A 79 12.14 7.04 5.98
CA ILE A 79 13.04 7.39 4.89
C ILE A 79 12.49 6.96 3.53
N LYS A 80 12.08 7.92 2.71
CA LYS A 80 11.54 7.62 1.39
C LYS A 80 12.71 7.50 0.42
N HIS A 81 12.53 6.75 -0.67
CA HIS A 81 13.62 6.64 -1.63
C HIS A 81 13.90 8.05 -2.14
N PRO A 82 15.18 8.41 -2.26
CA PRO A 82 15.52 9.77 -2.74
C PRO A 82 15.03 10.16 -4.13
N ASN A 83 14.78 9.19 -4.99
CA ASN A 83 14.31 9.49 -6.34
C ASN A 83 12.83 9.18 -6.57
N PHE A 84 12.06 9.13 -5.49
CA PHE A 84 10.62 8.85 -5.57
C PHE A 84 9.94 9.98 -6.36
N ASP A 85 9.09 9.62 -7.31
CA ASP A 85 8.37 10.61 -8.11
C ASP A 85 6.88 10.46 -7.78
N ARG A 86 6.29 11.51 -7.20
CA ARG A 86 4.88 11.49 -6.81
C ARG A 86 3.89 11.43 -7.96
N LYS A 87 4.35 11.73 -9.17
CA LYS A 87 3.47 11.71 -10.32
C LYS A 87 3.51 10.38 -11.07
N THR A 88 4.72 9.88 -11.31
CA THR A 88 4.90 8.63 -12.04
C THR A 88 4.95 7.40 -11.14
N LEU A 89 5.19 7.64 -9.85
CA LEU A 89 5.29 6.58 -8.85
C LEU A 89 6.53 5.71 -9.03
N ASN A 90 7.52 6.22 -9.78
CA ASN A 90 8.77 5.52 -9.98
C ASN A 90 9.50 5.58 -8.63
N ASN A 91 10.12 4.45 -8.23
CA ASN A 91 10.83 4.37 -6.95
C ASN A 91 9.91 4.55 -5.75
N ASP A 92 8.72 3.95 -5.83
CA ASP A 92 7.73 4.04 -4.76
C ASP A 92 8.10 3.06 -3.65
N ILE A 93 9.07 3.44 -2.83
CA ILE A 93 9.52 2.60 -1.73
C ILE A 93 9.97 3.49 -0.58
N MET A 94 9.76 3.00 0.64
CA MET A 94 10.09 3.76 1.83
C MET A 94 10.43 2.83 2.98
N LEU A 95 11.38 3.24 3.83
CA LEU A 95 11.78 2.46 5.00
C LEU A 95 11.33 3.18 6.26
N ILE A 96 10.92 2.40 7.25
CA ILE A 96 10.48 2.94 8.54
C ILE A 96 11.28 2.23 9.61
N LYS A 97 11.94 2.99 10.46
CA LYS A 97 12.68 2.39 11.55
C LYS A 97 11.79 2.54 12.77
N LEU A 98 11.62 1.45 13.51
CA LEU A 98 10.77 1.48 14.69
C LEU A 98 11.46 2.08 15.90
N SER A 99 10.65 2.62 16.81
CA SER A 99 11.13 3.25 18.03
C SER A 99 12.00 2.29 18.85
N SER A 100 11.59 1.02 18.89
CA SER A 100 12.32 -0.01 19.61
C SER A 100 12.12 -1.33 18.88
N PRO A 101 13.03 -2.28 19.07
CA PRO A 101 12.87 -3.58 18.39
C PRO A 101 11.60 -4.27 18.84
N VAL A 102 10.98 -5.02 17.94
CA VAL A 102 9.77 -5.76 18.30
C VAL A 102 10.15 -7.15 18.75
N LYS A 103 9.22 -7.85 19.35
CA LYS A 103 9.49 -9.19 19.82
C LYS A 103 9.05 -10.15 18.72
N LEU A 104 10.00 -10.87 18.16
CA LEU A 104 9.70 -11.82 17.11
C LEU A 104 9.19 -13.11 17.74
N ASN A 105 8.07 -13.61 17.20
CA ASN A 105 7.45 -14.85 17.67
C ASN A 105 6.71 -15.50 16.51
N ALA A 106 5.84 -16.46 16.79
CA ALA A 106 5.11 -17.14 15.72
C ALA A 106 4.18 -16.22 14.94
N ARG A 107 3.71 -15.16 15.59
CA ARG A 107 2.78 -14.24 14.92
C ARG A 107 3.44 -12.97 14.40
N VAL A 108 4.69 -12.76 14.78
CA VAL A 108 5.42 -11.59 14.33
C VAL A 108 6.80 -12.03 13.89
N ALA A 109 7.02 -12.03 12.57
CA ALA A 109 8.30 -12.46 12.02
C ALA A 109 8.69 -11.62 10.81
N THR A 110 9.93 -11.79 10.37
CA THR A 110 10.44 -11.03 9.24
C THR A 110 10.32 -11.80 7.91
N VAL A 111 10.43 -11.09 6.80
CA VAL A 111 10.38 -11.71 5.49
C VAL A 111 11.72 -11.38 4.83
N ALA A 112 12.24 -12.34 4.07
CA ALA A 112 13.52 -12.20 3.39
C ALA A 112 13.49 -11.27 2.19
N LEU A 113 14.60 -10.56 1.97
CA LEU A 113 14.73 -9.65 0.83
C LEU A 113 15.08 -10.57 -0.33
N PRO A 114 14.77 -10.16 -1.57
CA PRO A 114 15.10 -11.03 -2.72
C PRO A 114 16.57 -11.33 -2.94
N SER A 115 16.85 -12.57 -3.35
CA SER A 115 18.23 -12.97 -3.64
C SER A 115 18.50 -12.61 -5.10
N SER A 116 17.42 -12.39 -5.85
CA SER A 116 17.46 -11.97 -7.26
C SER A 116 16.03 -11.63 -7.70
N CYS A 117 15.87 -11.16 -8.93
CA CYS A 117 14.55 -10.80 -9.43
C CYS A 117 13.81 -12.04 -9.91
N ALA A 118 12.60 -12.24 -9.39
CA ALA A 118 11.77 -13.39 -9.74
C ALA A 118 11.28 -13.26 -11.17
N PRO A 119 11.36 -14.36 -11.94
CA PRO A 119 10.93 -14.37 -13.34
C PRO A 119 9.42 -14.32 -13.49
N ALA A 120 8.97 -13.81 -14.64
CA ALA A 120 7.56 -13.73 -14.95
C ALA A 120 7.02 -15.16 -14.82
N GLY A 121 5.78 -15.29 -14.34
CA GLY A 121 5.20 -16.61 -14.19
C GLY A 121 5.30 -17.17 -12.78
N THR A 122 6.14 -16.55 -11.95
CA THR A 122 6.32 -16.99 -10.57
C THR A 122 5.04 -16.70 -9.78
N GLN A 123 4.54 -17.71 -9.06
CA GLN A 123 3.32 -17.52 -8.27
C GLN A 123 3.64 -16.81 -6.95
N CYS A 124 2.85 -15.80 -6.61
CA CYS A 124 3.08 -15.03 -5.38
C CYS A 124 1.86 -14.88 -4.48
N LEU A 125 2.10 -14.38 -3.26
CA LEU A 125 1.07 -14.12 -2.27
C LEU A 125 1.03 -12.63 -1.95
N ILE A 126 -0.12 -12.01 -2.20
CA ILE A 126 -0.33 -10.59 -1.92
C ILE A 126 -1.28 -10.52 -0.73
N SER A 127 -1.01 -9.63 0.22
CA SER A 127 -1.88 -9.51 1.38
C SER A 127 -2.12 -8.07 1.83
N GLY A 128 -3.21 -7.86 2.57
CA GLY A 128 -3.54 -6.54 3.07
C GLY A 128 -4.98 -6.42 3.53
N TRP A 129 -5.29 -5.29 4.16
CA TRP A 129 -6.63 -4.99 4.65
C TRP A 129 -7.17 -3.98 3.63
N GLY A 130 -8.46 -4.00 3.36
CA GLY A 130 -8.99 -3.09 2.37
C GLY A 130 -9.75 -1.87 2.85
N ASN A 131 -10.79 -1.49 2.14
CA ASN A 131 -11.61 -0.31 2.49
C ASN A 131 -12.92 -0.77 3.13
N VAL A 137 -17.32 0.19 13.47
CA VAL A 137 -16.03 0.16 14.14
C VAL A 137 -15.87 -1.18 14.85
N ASN A 138 -16.98 -1.88 14.96
CA ASN A 138 -17.00 -3.18 15.61
C ASN A 138 -17.04 -4.32 14.61
N GLU A 139 -17.19 -3.99 13.34
CA GLU A 139 -17.26 -5.03 12.32
C GLU A 139 -15.85 -5.55 12.04
N PRO A 140 -15.74 -6.85 11.74
CA PRO A 140 -14.43 -7.43 11.45
C PRO A 140 -13.76 -6.92 10.18
N ASP A 141 -12.48 -6.56 10.30
CA ASP A 141 -11.66 -6.10 9.19
C ASP A 141 -10.49 -7.06 9.24
N LEU A 142 -10.63 -8.15 8.48
CA LEU A 142 -9.63 -9.21 8.45
C LEU A 142 -8.66 -9.16 7.29
N LEU A 143 -7.43 -9.61 7.55
CA LEU A 143 -6.39 -9.62 6.56
C LEU A 143 -6.79 -10.48 5.37
N GLN A 144 -6.66 -9.92 4.17
CA GLN A 144 -7.01 -10.62 2.93
C GLN A 144 -5.78 -11.09 2.19
N CYS A 145 -5.95 -12.20 1.48
CA CYS A 145 -4.87 -12.83 0.73
C CYS A 145 -5.28 -13.08 -0.72
N LEU A 146 -4.28 -13.13 -1.60
CA LEU A 146 -4.52 -13.37 -3.01
C LEU A 146 -3.31 -14.05 -3.63
N ASP A 147 -3.53 -15.17 -4.30
CA ASP A 147 -2.46 -15.90 -4.96
C ASP A 147 -2.47 -15.43 -6.42
N ALA A 148 -1.38 -14.87 -6.88
CA ALA A 148 -1.30 -14.36 -8.24
C ALA A 148 0.11 -14.38 -8.77
N PRO A 149 0.28 -14.55 -10.10
CA PRO A 149 1.60 -14.60 -10.73
C PRO A 149 2.17 -13.26 -11.21
N LEU A 150 3.49 -13.19 -11.29
CA LEU A 150 4.16 -12.00 -11.80
C LEU A 150 3.91 -12.09 -13.30
N LEU A 151 3.55 -10.98 -13.92
CA LEU A 151 3.28 -11.01 -15.35
C LEU A 151 4.49 -10.54 -16.14
N PRO A 152 4.59 -10.94 -17.42
CA PRO A 152 5.74 -10.49 -18.21
C PRO A 152 5.68 -8.96 -18.39
N GLN A 153 6.86 -8.31 -18.46
CA GLN A 153 6.94 -6.85 -18.62
C GLN A 153 6.14 -6.33 -19.82
N ALA A 154 6.22 -7.06 -20.93
CA ALA A 154 5.52 -6.66 -22.16
C ALA A 154 4.02 -6.55 -21.96
N ASP A 155 3.46 -7.45 -21.16
CA ASP A 155 2.02 -7.45 -20.88
C ASP A 155 1.68 -6.26 -19.97
N CYS A 156 2.58 -6.00 -19.04
CA CYS A 156 2.42 -4.89 -18.09
C CYS A 156 2.43 -3.60 -18.89
N GLU A 157 3.43 -3.46 -19.77
CA GLU A 157 3.58 -2.29 -20.62
C GLU A 157 2.38 -2.09 -21.55
N ALA A 158 1.87 -3.18 -22.10
CA ALA A 158 0.73 -3.11 -23.01
C ALA A 158 -0.53 -2.65 -22.29
N SER A 159 -0.62 -2.93 -21.00
CA SER A 159 -1.78 -2.56 -20.20
C SER A 159 -1.71 -1.11 -19.75
N TYR A 160 -0.49 -0.62 -19.55
CA TYR A 160 -0.26 0.76 -19.09
C TYR A 160 0.74 1.42 -20.04
N PRO A 161 0.32 1.74 -21.26
CA PRO A 161 1.19 2.37 -22.26
C PRO A 161 1.92 3.62 -21.76
N GLY A 162 3.24 3.58 -21.86
CA GLY A 162 4.08 4.70 -21.45
C GLY A 162 4.19 4.99 -19.96
N LYS A 163 3.61 4.14 -19.12
CA LYS A 163 3.62 4.36 -17.68
C LYS A 163 4.46 3.42 -16.80
N ILE A 164 4.97 2.34 -17.40
CA ILE A 164 5.76 1.36 -16.66
C ILE A 164 7.27 1.54 -16.77
N THR A 165 7.95 1.67 -15.63
CA THR A 165 9.41 1.81 -15.62
C THR A 165 10.03 0.47 -15.23
N ASP A 166 11.35 0.40 -15.29
CA ASP A 166 12.07 -0.82 -14.94
C ASP A 166 11.96 -1.13 -13.45
N ASN A 167 11.44 -0.20 -12.66
CA ASN A 167 11.31 -0.41 -11.22
C ASN A 167 9.92 -0.86 -10.84
N MET A 168 9.13 -1.24 -11.83
CA MET A 168 7.78 -1.70 -11.60
C MET A 168 7.56 -3.07 -12.24
N VAL A 169 6.59 -3.80 -11.69
CA VAL A 169 6.21 -5.11 -12.19
C VAL A 169 4.70 -5.28 -11.98
N CYS A 170 4.03 -5.94 -12.93
CA CYS A 170 2.60 -6.18 -12.83
C CYS A 170 2.42 -7.57 -12.22
N VAL A 171 1.42 -7.72 -11.36
CA VAL A 171 1.12 -9.00 -10.73
C VAL A 171 -0.39 -9.13 -10.74
N GLY A 172 -0.88 -10.25 -11.23
CA GLY A 172 -2.31 -10.44 -11.27
C GLY A 172 -2.79 -11.17 -12.51
N PHE A 173 -3.94 -10.75 -13.03
CA PHE A 173 -4.57 -11.35 -14.20
C PHE A 173 -5.03 -10.29 -15.20
N LEU A 174 -4.70 -10.50 -16.47
CA LEU A 174 -5.09 -9.56 -17.50
C LEU A 174 -6.61 -9.51 -17.68
N GLU A 175 -7.29 -10.54 -17.22
CA GLU A 175 -8.75 -10.62 -17.33
C GLU A 175 -9.43 -9.98 -16.12
N GLY A 176 -8.64 -9.43 -15.20
CA GLY A 176 -9.20 -8.81 -14.02
C GLY A 176 -9.88 -9.84 -13.12
N GLY A 177 -10.76 -9.37 -12.25
CA GLY A 177 -11.46 -10.28 -11.35
C GLY A 177 -10.81 -10.38 -9.98
N LYS A 178 -9.49 -10.41 -9.95
CA LYS A 178 -8.70 -10.51 -8.71
C LYS A 178 -7.59 -9.46 -8.71
N ASP A 179 -7.47 -8.70 -7.62
CA ASP A 179 -6.50 -7.62 -7.58
C ASP A 179 -6.39 -7.05 -6.16
N SER A 180 -5.36 -6.23 -5.93
CA SER A 180 -5.18 -5.56 -4.65
C SER A 180 -5.95 -4.26 -4.85
N CYS A 181 -6.37 -3.59 -3.77
CA CYS A 181 -7.13 -2.34 -3.90
C CYS A 181 -6.81 -1.37 -2.76
N GLN A 182 -7.56 -0.27 -2.66
CA GLN A 182 -7.29 0.72 -1.62
C GLN A 182 -7.25 0.13 -0.21
N GLY A 183 -6.19 0.49 0.52
CA GLY A 183 -5.97 -0.01 1.86
C GLY A 183 -4.77 -0.95 1.82
N ASN A 184 -4.52 -1.53 0.64
CA ASN A 184 -3.44 -2.49 0.40
C ASN A 184 -2.03 -1.90 0.17
N SER A 185 -1.97 -0.64 -0.27
CA SER A 185 -0.69 0.02 -0.58
C SER A 185 0.42 -0.21 0.46
N GLY A 186 1.63 -0.44 -0.01
CA GLY A 186 2.76 -0.64 0.88
C GLY A 186 2.93 -2.07 1.34
N GLY A 187 1.88 -2.88 1.16
CA GLY A 187 1.93 -4.26 1.57
C GLY A 187 2.85 -5.14 0.73
N PRO A 188 3.10 -6.38 1.17
CA PRO A 188 3.95 -7.37 0.51
C PRO A 188 3.41 -8.21 -0.65
N VAL A 189 4.32 -8.55 -1.56
CA VAL A 189 4.03 -9.49 -2.65
C VAL A 189 5.20 -10.43 -2.43
N VAL A 190 4.92 -11.58 -1.83
CA VAL A 190 5.93 -12.57 -1.51
C VAL A 190 5.88 -13.80 -2.42
N CYS A 191 7.02 -14.12 -3.02
CA CYS A 191 7.13 -15.26 -3.93
C CYS A 191 8.30 -16.13 -3.54
N ASN A 192 8.02 -17.39 -3.19
CA ASN A 192 9.04 -18.35 -2.76
C ASN A 192 9.78 -17.83 -1.55
N GLY A 193 9.03 -17.28 -0.60
CA GLY A 193 9.63 -16.79 0.63
C GLY A 193 10.41 -15.49 0.57
N GLU A 194 10.37 -14.81 -0.57
CA GLU A 194 11.10 -13.54 -0.73
C GLU A 194 10.17 -12.39 -1.11
N LEU A 195 10.41 -11.23 -0.52
CA LEU A 195 9.62 -10.04 -0.82
C LEU A 195 10.04 -9.52 -2.19
N GLN A 196 9.18 -9.70 -3.20
CA GLN A 196 9.49 -9.26 -4.55
C GLN A 196 8.76 -8.00 -4.98
N GLY A 197 7.68 -7.65 -4.28
CA GLY A 197 6.94 -6.46 -4.66
C GLY A 197 6.27 -5.73 -3.51
N ILE A 198 5.92 -4.47 -3.75
CA ILE A 198 5.23 -3.65 -2.77
C ILE A 198 4.01 -3.12 -3.49
N VAL A 199 2.83 -3.28 -2.90
CA VAL A 199 1.60 -2.80 -3.51
C VAL A 199 1.74 -1.28 -3.76
N SER A 200 1.57 -0.87 -5.01
CA SER A 200 1.72 0.55 -5.36
C SER A 200 0.50 1.20 -6.01
N TRP A 201 0.23 0.87 -7.26
CA TRP A 201 -0.89 1.48 -7.96
C TRP A 201 -1.56 0.61 -9.04
N GLY A 202 -2.58 1.19 -9.67
CA GLY A 202 -3.29 0.50 -10.72
C GLY A 202 -4.46 1.38 -11.14
N TYR A 203 -5.01 1.14 -12.33
CA TYR A 203 -6.15 1.92 -12.75
C TYR A 203 -7.33 1.10 -12.27
N GLY A 204 -7.97 1.58 -11.20
CA GLY A 204 -9.08 0.85 -10.62
C GLY A 204 -8.53 -0.38 -9.93
N CYS A 205 -9.41 -1.35 -9.67
CA CYS A 205 -9.02 -2.60 -9.04
C CYS A 205 -9.77 -3.73 -9.72
N ALA A 206 -9.03 -4.77 -10.10
CA ALA A 206 -9.60 -5.95 -10.74
C ALA A 206 -10.27 -5.72 -12.10
N LEU A 207 -9.88 -4.66 -12.80
CA LEU A 207 -10.42 -4.35 -14.11
C LEU A 207 -9.64 -5.11 -15.17
N PRO A 208 -10.33 -5.65 -16.19
CA PRO A 208 -9.56 -6.38 -17.20
C PRO A 208 -8.62 -5.41 -17.91
N ASP A 209 -7.47 -5.91 -18.33
CA ASP A 209 -6.44 -5.13 -19.02
C ASP A 209 -5.76 -4.07 -18.15
N ASN A 210 -5.95 -4.16 -16.84
CA ASN A 210 -5.30 -3.22 -15.92
C ASN A 210 -5.05 -3.92 -14.59
N PRO A 211 -4.07 -4.84 -14.56
CA PRO A 211 -3.70 -5.58 -13.34
C PRO A 211 -2.90 -4.64 -12.45
N GLY A 212 -2.73 -4.99 -11.17
CA GLY A 212 -2.00 -4.12 -10.28
C GLY A 212 -0.52 -3.96 -10.63
N VAL A 213 0.01 -2.76 -10.36
CA VAL A 213 1.41 -2.45 -10.60
C VAL A 213 2.08 -2.42 -9.22
N TYR A 214 3.28 -2.97 -9.13
CA TYR A 214 4.00 -3.08 -7.87
C TYR A 214 5.46 -2.65 -7.95
N THR A 215 6.01 -2.12 -6.85
CA THR A 215 7.40 -1.72 -6.86
C THR A 215 8.22 -3.01 -6.90
N LYS A 216 9.18 -3.05 -7.82
CA LYS A 216 10.06 -4.21 -8.00
C LYS A 216 11.18 -4.15 -6.96
N VAL A 217 10.99 -4.85 -5.85
CA VAL A 217 11.94 -4.83 -4.73
C VAL A 217 13.38 -5.30 -5.01
N CYS A 218 13.57 -6.21 -5.96
CA CYS A 218 14.92 -6.69 -6.25
C CYS A 218 15.88 -5.59 -6.75
N ASN A 219 15.33 -4.48 -7.24
CA ASN A 219 16.16 -3.37 -7.73
C ASN A 219 16.64 -2.49 -6.56
N TYR A 220 16.14 -2.75 -5.36
CA TYR A 220 16.49 -1.94 -4.19
C TYR A 220 17.17 -2.61 -3.02
N VAL A 221 17.59 -3.86 -3.16
CA VAL A 221 18.20 -4.54 -2.03
C VAL A 221 19.41 -3.80 -1.45
N ASP A 222 20.30 -3.32 -2.30
CA ASP A 222 21.47 -2.60 -1.82
C ASP A 222 21.12 -1.29 -1.15
N TRP A 223 20.16 -0.56 -1.71
CA TRP A 223 19.75 0.70 -1.11
C TRP A 223 19.17 0.41 0.27
N ILE A 224 18.36 -0.64 0.37
CA ILE A 224 17.75 -0.98 1.66
C ILE A 224 18.84 -1.31 2.68
N GLN A 225 19.74 -2.23 2.34
CA GLN A 225 20.82 -2.62 3.25
C GLN A 225 21.74 -1.45 3.61
N ASP A 226 22.09 -0.63 2.63
CA ASP A 226 22.96 0.51 2.88
C ASP A 226 22.26 1.50 3.82
N THR A 227 20.96 1.70 3.63
CA THR A 227 20.21 2.63 4.46
C THR A 227 20.05 2.17 5.90
N ILE A 228 19.81 0.88 6.10
CA ILE A 228 19.64 0.31 7.44
C ILE A 228 20.95 0.39 8.22
N ALA A 229 22.05 0.11 7.54
CA ALA A 229 23.38 0.13 8.15
C ALA A 229 23.81 1.52 8.58
N ALA A 230 23.41 2.52 7.81
CA ALA A 230 23.78 3.91 8.07
C ALA A 230 22.82 4.61 9.02
N ASN A 231 21.76 3.92 9.42
CA ASN A 231 20.77 4.52 10.31
C ASN A 231 20.44 3.65 11.51
N ARG B 1 -19.77 28.99 -8.12
CA ARG B 1 -18.51 28.48 -7.51
C ARG B 1 -17.59 27.90 -8.58
N PRO B 2 -16.32 27.61 -8.23
CA PRO B 2 -15.35 27.05 -9.18
C PRO B 2 -15.77 25.70 -9.78
N ASP B 3 -15.38 25.48 -11.04
CA ASP B 3 -15.75 24.24 -11.73
C ASP B 3 -15.27 22.94 -11.08
N PHE B 4 -14.08 22.94 -10.50
CA PHE B 4 -13.57 21.72 -9.89
C PHE B 4 -14.37 21.24 -8.68
N CYS B 5 -15.21 22.12 -8.14
CA CYS B 5 -16.04 21.81 -6.98
C CYS B 5 -17.23 20.93 -7.38
N LEU B 6 -17.54 20.94 -8.67
CA LEU B 6 -18.66 20.17 -9.18
C LEU B 6 -18.24 18.81 -9.71
N GLU B 7 -16.93 18.57 -9.76
CA GLU B 7 -16.42 17.30 -10.25
C GLU B 7 -16.54 16.22 -9.17
N PRO B 8 -16.81 14.96 -9.58
CA PRO B 8 -16.93 13.90 -8.58
C PRO B 8 -15.58 13.66 -7.91
N PRO B 9 -15.59 13.12 -6.68
CA PRO B 9 -14.34 12.86 -5.98
C PRO B 9 -13.48 11.88 -6.78
N TYR B 10 -12.16 12.06 -6.73
CA TYR B 10 -11.21 11.23 -7.47
C TYR B 10 -10.28 10.46 -6.53
N THR B 11 -10.45 9.14 -6.47
CA THR B 11 -9.63 8.28 -5.63
C THR B 11 -8.18 8.22 -6.14
N GLY B 12 -8.01 8.17 -7.45
CA GLY B 12 -6.67 8.12 -8.00
C GLY B 12 -6.20 6.68 -8.15
N PRO B 13 -5.04 6.44 -8.79
CA PRO B 13 -4.54 5.07 -8.98
C PRO B 13 -3.84 4.40 -7.81
N CYS B 14 -3.39 5.18 -6.83
CA CYS B 14 -2.68 4.59 -5.70
C CYS B 14 -3.64 3.84 -4.79
N LYS B 15 -3.10 2.89 -4.04
CA LYS B 15 -3.95 2.06 -3.21
C LYS B 15 -3.91 2.23 -1.69
N ALA B 16 -3.71 3.46 -1.24
CA ALA B 16 -3.72 3.74 0.19
C ALA B 16 -5.18 3.99 0.51
N ARG B 17 -5.50 4.13 1.79
CA ARG B 17 -6.88 4.40 2.18
C ARG B 17 -6.81 5.61 3.10
N ILE B 18 -6.89 6.78 2.48
CA ILE B 18 -6.81 8.07 3.17
C ILE B 18 -8.13 8.82 3.03
N ILE B 19 -8.75 9.16 4.16
CA ILE B 19 -10.03 9.86 4.14
C ILE B 19 -9.88 11.37 3.91
N ARG B 20 -10.51 11.84 2.86
CA ARG B 20 -10.46 13.26 2.50
C ARG B 20 -11.87 13.78 2.31
N TYR B 21 -12.00 15.11 2.20
CA TYR B 21 -13.31 15.70 1.97
C TYR B 21 -13.40 16.21 0.55
N PHE B 22 -14.62 16.20 0.00
CA PHE B 22 -14.89 16.71 -1.34
C PHE B 22 -16.23 17.42 -1.26
N TYR B 23 -16.44 18.43 -2.10
CA TYR B 23 -17.71 19.14 -2.09
C TYR B 23 -18.71 18.35 -2.92
N ASN B 24 -19.86 18.04 -2.33
CA ASN B 24 -20.90 17.30 -3.04
C ASN B 24 -21.96 18.27 -3.52
N ALA B 25 -21.94 18.58 -4.81
CA ALA B 25 -22.89 19.52 -5.41
C ALA B 25 -24.35 19.19 -5.14
N LYS B 26 -24.72 17.92 -5.28
CA LYS B 26 -26.10 17.48 -5.06
C LYS B 26 -26.52 17.65 -3.61
N ALA B 27 -25.58 17.42 -2.69
CA ALA B 27 -25.86 17.52 -1.26
C ALA B 27 -25.75 18.96 -0.75
N GLY B 28 -24.96 19.77 -1.43
CA GLY B 28 -24.80 21.14 -1.01
C GLY B 28 -23.74 21.27 0.07
N LEU B 29 -23.05 20.18 0.38
CA LEU B 29 -22.01 20.23 1.40
C LEU B 29 -20.87 19.25 1.12
N CYS B 30 -19.86 19.29 1.98
CA CYS B 30 -18.69 18.43 1.86
C CYS B 30 -18.87 17.12 2.60
N GLN B 31 -18.41 16.04 1.98
CA GLN B 31 -18.50 14.73 2.58
C GLN B 31 -17.15 14.07 2.46
N THR B 32 -17.00 12.88 3.00
CA THR B 32 -15.72 12.20 2.91
C THR B 32 -15.72 11.18 1.79
N PHE B 33 -14.51 10.85 1.34
CA PHE B 33 -14.32 9.87 0.29
C PHE B 33 -12.94 9.28 0.51
N VAL B 34 -12.67 8.16 -0.12
CA VAL B 34 -11.39 7.51 0.03
C VAL B 34 -10.43 7.93 -1.08
N TYR B 35 -9.34 8.57 -0.67
CA TYR B 35 -8.32 9.04 -1.58
C TYR B 35 -7.19 7.99 -1.57
N GLY B 36 -6.66 7.66 -2.74
CA GLY B 36 -5.61 6.66 -2.86
C GLY B 36 -4.19 7.01 -2.48
N GLY B 37 -3.89 8.28 -2.27
CA GLY B 37 -2.54 8.64 -1.88
C GLY B 37 -1.68 9.33 -2.92
N CYS B 38 -2.17 9.44 -4.16
CA CYS B 38 -1.41 10.12 -5.18
C CYS B 38 -2.31 10.69 -6.27
N ARG B 39 -1.79 11.72 -6.93
CA ARG B 39 -2.48 12.39 -8.03
C ARG B 39 -3.84 12.99 -7.72
N ALA B 40 -3.94 13.65 -6.57
CA ALA B 40 -5.18 14.27 -6.14
C ALA B 40 -5.66 15.35 -7.12
N LYS B 41 -6.97 15.48 -7.24
CA LYS B 41 -7.56 16.50 -8.09
C LYS B 41 -7.89 17.62 -7.10
N ARG B 42 -8.41 18.76 -7.57
CA ARG B 42 -8.69 19.86 -6.66
C ARG B 42 -9.83 19.69 -5.66
N ASN B 43 -10.84 18.90 -6.00
CA ASN B 43 -11.96 18.66 -5.09
C ASN B 43 -11.55 17.57 -4.12
N ASN B 44 -10.54 17.89 -3.31
CA ASN B 44 -9.95 16.96 -2.35
C ASN B 44 -9.35 17.84 -1.22
N PHE B 45 -9.97 17.76 -0.04
CA PHE B 45 -9.53 18.57 1.09
C PHE B 45 -9.19 17.76 2.34
N LYS B 46 -8.22 18.25 3.11
CA LYS B 46 -7.80 17.58 4.34
C LYS B 46 -8.75 17.89 5.50
N SER B 47 -9.67 18.84 5.29
CA SER B 47 -10.65 19.23 6.32
C SER B 47 -11.92 19.82 5.73
N ALA B 48 -13.04 19.64 6.43
CA ALA B 48 -14.32 20.15 5.95
C ALA B 48 -14.31 21.67 5.88
N GLU B 49 -13.65 22.30 6.85
CA GLU B 49 -13.54 23.75 6.91
C GLU B 49 -12.99 24.34 5.60
N ASP B 50 -11.90 23.74 5.15
CA ASP B 50 -11.21 24.14 3.93
C ASP B 50 -12.09 23.91 2.72
N CYS B 51 -12.75 22.76 2.74
CA CYS B 51 -13.64 22.36 1.67
C CYS B 51 -14.80 23.34 1.53
N MET B 52 -15.44 23.63 2.66
CA MET B 52 -16.58 24.54 2.66
C MET B 52 -16.15 25.97 2.31
N ARG B 53 -14.95 26.36 2.72
CA ARG B 53 -14.47 27.70 2.43
C ARG B 53 -14.22 27.86 0.93
N THR B 54 -13.50 26.91 0.35
CA THR B 54 -13.17 26.93 -1.07
C THR B 54 -14.33 26.66 -2.04
N CYS B 55 -15.21 25.72 -1.68
CA CYS B 55 -16.32 25.36 -2.56
C CYS B 55 -17.71 25.75 -2.05
N GLY B 56 -17.82 26.22 -0.81
CA GLY B 56 -19.12 26.61 -0.28
C GLY B 56 -19.86 27.59 -1.15
CA CA C . -6.42 -6.89 16.33
S SO4 D . -9.77 19.22 -11.43
O1 SO4 D . -10.99 18.43 -11.35
O2 SO4 D . -10.06 20.53 -12.13
O3 SO4 D . -9.18 19.58 -10.05
O4 SO4 D . -8.69 18.41 -12.16
S SO4 E . -1.60 14.78 -1.34
O1 SO4 E . -2.93 15.34 -1.48
O2 SO4 E . -0.57 15.89 -1.40
O3 SO4 E . -1.39 14.06 0.03
O4 SO4 E . -1.38 13.74 -2.42
S SO4 F . -4.09 13.14 5.61
O1 SO4 F . -5.43 13.43 5.08
O2 SO4 F . -3.14 12.87 4.46
O3 SO4 F . -3.49 14.31 6.43
O4 SO4 F . -4.17 11.94 6.56
#